data_3C8K
#
_entry.id   3C8K
#
_cell.length_a   152.010
_cell.length_b   152.010
_cell.length_c   64.660
_cell.angle_alpha   90.00
_cell.angle_beta   90.00
_cell.angle_gamma   90.00
#
_symmetry.space_group_name_H-M   'P 43 21 2'
#
loop_
_entity.id
_entity.type
_entity.pdbx_description
1 polymer 'H-2 class I histocompatibility antigen, K-B alpha chain'
2 polymer 'beta-2 microglobulin'
3 polymer 'Ovalbumin peptide'
4 polymer 'Natural killer cell receptor Ly-49C'
5 water water
#
loop_
_entity_poly.entity_id
_entity_poly.type
_entity_poly.pdbx_seq_one_letter_code
_entity_poly.pdbx_strand_id
1 'polypeptide(L)'
;GPHSLRYFVTAVSRPGLGEPRYMEVGYVDDTEFVRFDSDAENPRYEPRARWMEQEGPEYWERETQKAKGNEQSFRVDLRT
LLGYYNQSKGGSHTIQVISGCEVGSDGRLLRGYQQYAYDGCDYIALNEDLKTWTAADMAALITKHKWEQAGEAERLRAYL
EGTCVEWLRRYLKNGNATLLRTDSPKAHVTHHSRPEDKVTLRCWALGFYPADITLTWQLNGEELIQDMELVETRPAGDGT
FQKWASVVVPLGKEQYYTCHVYHQGLPEPLTLRW
;
A
2 'polypeptide(L)'
;IQKTPQIQVYSRHPPENGKPNILNCYVTQFHPPHIEIQMLKNGKKIPKVEMSDMSFSKDWSFYILAHTEFTPTETDTYAC
RVKHASMAEPKTVYWDRDM
;
B
3 'polypeptide(L)' SIINFEKL P
4 'polypeptide(L)'
;RGVKYWFCYSTKCYYFIMNKTTWSGCKANCQHYGVPILKIEDEDELKFLQRHVIPGNYWIGLSYDKKKKEWAWIDNGPSK
LDMKIKKMNFKSRGCVFLSKARIEDIDCNIPYYCICGKKLDKFPD
;
D
#
# COMPACT_ATOMS: atom_id res chain seq x y z
N GLY A 1 -10.15 -4.54 20.11
CA GLY A 1 -10.06 -5.11 18.72
C GLY A 1 -8.63 -5.49 18.38
N PRO A 2 -8.34 -5.68 17.08
CA PRO A 2 -6.96 -5.95 16.64
C PRO A 2 -6.20 -4.64 16.43
N HIS A 3 -4.94 -4.58 16.90
CA HIS A 3 -4.17 -3.32 16.89
C HIS A 3 -2.69 -3.45 16.47
N SER A 4 -2.19 -2.45 15.76
CA SER A 4 -0.82 -2.46 15.23
C SER A 4 0.03 -1.22 15.58
N LEU A 5 1.32 -1.47 15.84
CA LEU A 5 2.33 -0.41 15.91
C LEU A 5 3.40 -0.67 14.84
N ARG A 6 3.43 0.17 13.80
CA ARG A 6 4.29 -0.08 12.64
C ARG A 6 5.22 1.10 12.35
N TYR A 7 6.49 0.79 12.08
CA TYR A 7 7.48 1.80 11.72
C TYR A 7 7.94 1.67 10.27
N PHE A 8 7.89 2.79 9.54
CA PHE A 8 8.32 2.85 8.14
C PHE A 8 9.56 3.72 8.04
N VAL A 9 10.66 3.08 7.62
CA VAL A 9 11.99 3.67 7.58
C VAL A 9 12.48 3.73 6.14
N THR A 10 13.14 4.84 5.81
CA THR A 10 13.71 5.04 4.47
C THR A 10 15.10 5.65 4.51
N ALA A 11 15.96 5.19 3.61
CA ALA A 11 17.31 5.71 3.48
C ALA A 11 17.71 5.86 2.00
N VAL A 12 17.90 7.10 1.56
CA VAL A 12 18.16 7.36 0.17
C VAL A 12 19.51 8.01 0.03
N SER A 13 20.49 7.30 -0.54
CA SER A 13 21.75 7.94 -0.89
C SER A 13 21.51 8.93 -2.06
N ARG A 14 22.29 10.00 -2.05
CA ARG A 14 22.17 11.04 -3.03
C ARG A 14 23.55 11.62 -3.32
N PRO A 15 24.33 10.92 -4.16
CA PRO A 15 25.71 11.30 -4.44
C PRO A 15 25.85 12.75 -4.94
N GLY A 16 26.87 13.44 -4.45
CA GLY A 16 27.12 14.83 -4.79
C GLY A 16 26.23 15.82 -4.04
N LEU A 17 25.36 15.28 -3.20
CA LEU A 17 24.48 16.08 -2.36
C LEU A 17 24.72 15.81 -0.88
N GLY A 18 25.83 15.14 -0.57
CA GLY A 18 26.19 14.89 0.82
C GLY A 18 25.63 13.57 1.32
N GLU A 19 25.23 13.54 2.59
CA GLU A 19 24.85 12.29 3.26
C GLU A 19 23.45 11.82 2.88
N PRO A 20 23.16 10.51 3.05
CA PRO A 20 21.86 10.03 2.63
C PRO A 20 20.78 10.69 3.45
N ARG A 21 19.57 10.72 2.93
CA ARG A 21 18.42 11.15 3.70
C ARG A 21 17.92 10.01 4.56
N TYR A 22 17.55 10.31 5.81
CA TYR A 22 17.04 9.28 6.68
C TYR A 22 15.70 9.67 7.26
N MET A 23 14.76 8.73 7.27
CA MET A 23 13.45 8.96 7.84
C MET A 23 12.89 7.78 8.61
N GLU A 24 12.49 8.05 9.85
CA GLU A 24 11.66 7.13 10.63
C GLU A 24 10.27 7.74 10.76
N VAL A 25 9.27 7.02 10.27
CA VAL A 25 7.87 7.40 10.43
C VAL A 25 7.21 6.28 11.23
N GLY A 26 6.43 6.65 12.23
CA GLY A 26 5.69 5.67 13.03
C GLY A 26 4.19 5.74 12.83
N TYR A 27 3.55 4.57 12.79
CA TYR A 27 2.08 4.48 12.77
C TYR A 27 1.52 3.58 13.87
N VAL A 28 0.48 4.07 14.55
CA VAL A 28 -0.42 3.21 15.31
C VAL A 28 -1.68 3.07 14.48
N ASP A 29 -2.01 1.85 14.08
CA ASP A 29 -3.26 1.58 13.34
C ASP A 29 -3.53 2.61 12.25
N ASP A 30 -2.71 2.66 11.22
CA ASP A 30 -2.96 3.61 10.11
C ASP A 30 -2.94 5.11 10.54
N THR A 31 -2.65 5.36 11.82
CA THR A 31 -2.55 6.74 12.28
C THR A 31 -1.09 7.06 12.50
N GLU A 32 -0.62 8.02 11.72
CA GLU A 32 0.73 8.52 11.87
C GLU A 32 0.75 9.27 13.19
N PHE A 33 1.81 9.07 13.96
CA PHE A 33 1.89 9.74 15.27
C PHE A 33 3.25 10.38 15.55
N VAL A 34 4.31 9.74 15.06
CA VAL A 34 5.66 10.29 15.18
C VAL A 34 6.35 10.32 13.83
N ARG A 35 7.28 11.25 13.68
CA ARG A 35 8.15 11.36 12.50
C ARG A 35 9.48 11.99 12.87
N PHE A 36 10.55 11.39 12.36
CA PHE A 36 11.90 11.93 12.45
C PHE A 36 12.51 11.97 11.06
N ASP A 37 13.08 13.12 10.69
CA ASP A 37 13.54 13.36 9.34
C ASP A 37 14.90 14.04 9.37
N SER A 38 15.86 13.50 8.63
CA SER A 38 17.24 13.95 8.69
C SER A 38 17.49 15.27 7.96
N ASP A 39 16.56 15.70 7.12
CA ASP A 39 16.73 16.99 6.44
C ASP A 39 16.23 18.19 7.24
N ALA A 40 15.19 17.98 8.05
CA ALA A 40 14.65 19.05 8.90
C ALA A 40 15.75 19.86 9.63
N GLU A 41 15.53 21.16 9.76
CA GLU A 41 16.46 22.07 10.45
C GLU A 41 16.67 21.58 11.87
N ASN A 42 15.57 21.09 12.45
CA ASN A 42 15.58 20.48 13.76
C ASN A 42 15.37 18.95 13.66
N PRO A 43 16.45 18.18 13.39
CA PRO A 43 16.29 16.74 13.18
C PRO A 43 16.03 16.09 14.53
N ARG A 44 14.76 15.78 14.79
CA ARG A 44 14.31 15.28 16.10
C ARG A 44 12.99 14.58 15.95
N TYR A 45 12.72 13.58 16.79
CA TYR A 45 11.39 12.96 16.82
C TYR A 45 10.36 14.00 17.18
N GLU A 46 9.27 14.02 16.44
CA GLU A 46 8.23 15.01 16.61
C GLU A 46 6.86 14.33 16.69
N PRO A 47 5.96 14.88 17.53
CA PRO A 47 4.58 14.42 17.53
C PRO A 47 3.89 14.77 16.22
N ARG A 48 2.83 14.06 15.90
CA ARG A 48 1.97 14.38 14.76
C ARG A 48 0.55 13.91 15.06
N ALA A 49 0.20 13.97 16.34
CA ALA A 49 -1.11 13.61 16.83
C ALA A 49 -1.26 14.40 18.10
N ARG A 50 -2.45 14.97 18.34
CA ARG A 50 -2.67 15.75 19.56
C ARG A 50 -2.23 14.92 20.75
N TRP A 51 -2.76 13.71 20.83
CA TRP A 51 -2.53 12.81 21.96
C TRP A 51 -1.08 12.34 22.16
N MET A 52 -0.16 12.79 21.31
CA MET A 52 1.24 12.47 21.49
C MET A 52 1.97 13.56 22.29
N GLU A 53 1.54 14.83 22.13
CA GLU A 53 2.11 15.95 22.90
C GLU A 53 2.00 15.61 24.38
N GLN A 54 1.26 14.52 24.63
CA GLN A 54 1.13 13.85 25.92
C GLN A 54 2.48 13.51 26.59
N GLU A 55 3.48 13.14 25.79
CA GLU A 55 4.73 12.56 26.29
C GLU A 55 5.75 13.59 26.79
N GLY A 56 6.49 13.20 27.85
CA GLY A 56 7.48 14.07 28.48
C GLY A 56 8.80 14.17 27.74
N PRO A 57 9.68 15.11 28.17
CA PRO A 57 10.95 15.36 27.45
C PRO A 57 11.80 14.07 27.19
N GLU A 58 12.02 13.42 28.65
CA GLU A 58 12.88 12.22 28.64
C GLU A 58 12.63 11.19 27.49
N TYR A 59 11.42 11.19 26.92
CA TYR A 59 11.07 10.25 25.82
C TYR A 59 11.49 10.69 24.39
N TRP A 60 11.17 11.96 24.05
CA TRP A 60 11.63 12.58 22.79
C TRP A 60 13.16 12.67 22.74
N GLU A 61 13.81 12.86 23.90
CA GLU A 61 15.25 12.85 23.92
C GLU A 61 15.67 11.47 23.41
N ARG A 62 15.21 10.45 24.20
CA ARG A 62 15.58 9.08 23.94
C ARG A 62 15.51 8.67 22.48
N GLU A 63 14.34 8.85 21.85
CA GLU A 63 14.16 8.42 20.47
C GLU A 63 15.07 9.13 19.48
N THR A 64 15.17 10.47 19.59
CA THR A 64 16.09 11.21 18.71
C THR A 64 17.51 10.62 18.64
N GLN A 65 18.06 10.25 19.80
CA GLN A 65 19.37 9.58 19.86
C GLN A 65 19.35 8.23 19.15
N LYS A 66 18.34 7.41 19.44
CA LYS A 66 18.25 6.08 18.85
C LYS A 66 18.18 6.21 17.35
N ALA A 67 17.48 7.24 16.90
CA ALA A 67 17.29 7.52 15.48
C ALA A 67 18.57 8.05 14.86
N LYS A 68 19.31 8.89 15.59
CA LYS A 68 20.64 9.31 15.11
C LYS A 68 21.51 8.08 14.96
N GLY A 69 21.43 7.20 15.96
CA GLY A 69 22.09 5.88 15.92
C GLY A 69 21.68 5.03 14.73
N ASN A 70 20.39 5.00 14.43
CA ASN A 70 19.90 4.24 13.30
C ASN A 70 20.36 4.83 11.96
N GLU A 71 20.34 6.16 11.88
CA GLU A 71 20.77 6.87 10.68
C GLU A 71 22.17 6.42 10.27
N GLN A 72 23.13 6.52 11.19
CA GLN A 72 24.51 6.10 10.90
C GLN A 72 24.60 4.66 10.46
N SER A 73 23.78 3.81 11.06
CA SER A 73 23.81 2.40 10.74
C SER A 73 23.40 2.08 9.29
N PHE A 74 22.45 2.85 8.74
CA PHE A 74 22.04 2.69 7.34
C PHE A 74 23.04 3.29 6.36
N ARG A 75 23.69 4.37 6.77
CA ARG A 75 24.73 4.99 5.96
C ARG A 75 25.79 3.96 5.58
N VAL A 76 26.16 3.13 6.54
CA VAL A 76 27.05 2.01 6.29
C VAL A 76 26.35 0.99 5.38
N ASP A 77 25.07 0.70 5.66
CA ASP A 77 24.32 -0.32 4.91
C ASP A 77 24.22 0.02 3.43
N LEU A 78 24.10 1.30 3.10
CA LEU A 78 24.06 1.70 1.70
C LEU A 78 25.39 1.32 1.07
N ARG A 79 26.47 1.46 1.85
CA ARG A 79 27.80 1.13 1.39
C ARG A 79 28.00 -0.38 1.33
N THR A 80 27.49 -1.09 2.34
CA THR A 80 27.62 -2.54 2.37
C THR A 80 27.03 -3.12 1.09
N LEU A 81 25.81 -2.69 0.77
CA LEU A 81 25.07 -3.20 -0.39
C LEU A 81 25.68 -2.79 -1.72
N LEU A 82 26.26 -1.60 -1.77
CA LEU A 82 27.10 -1.25 -2.92
C LEU A 82 28.13 -2.35 -3.12
N GLY A 83 28.76 -2.74 -2.00
CA GLY A 83 29.77 -3.79 -1.97
C GLY A 83 29.19 -5.08 -2.48
N TYR A 84 28.09 -5.51 -1.86
CA TYR A 84 27.46 -6.76 -2.27
C TYR A 84 27.13 -6.81 -3.74
N TYR A 85 26.40 -5.82 -4.26
CA TYR A 85 25.87 -5.87 -5.65
C TYR A 85 26.84 -5.38 -6.73
N ASN A 86 28.07 -5.06 -6.33
CA ASN A 86 29.04 -4.48 -7.24
C ASN A 86 28.51 -3.21 -7.93
N GLN A 87 28.11 -2.22 -7.14
CA GLN A 87 27.53 -0.97 -7.66
C GLN A 87 28.40 0.27 -7.36
N SER A 88 28.45 1.23 -8.29
CA SER A 88 29.32 2.39 -8.11
C SER A 88 28.75 3.42 -7.13
N LYS A 89 29.61 4.30 -6.65
CA LYS A 89 29.19 5.37 -5.75
C LYS A 89 28.50 6.49 -6.53
N GLY A 90 28.11 6.19 -7.77
CA GLY A 90 27.45 7.16 -8.64
C GLY A 90 25.91 7.16 -8.60
N GLY A 91 25.28 6.09 -8.11
CA GLY A 91 23.81 6.02 -8.19
C GLY A 91 23.06 6.24 -6.90
N SER A 92 21.93 6.91 -6.98
CA SER A 92 21.04 6.99 -5.84
C SER A 92 20.41 5.62 -5.55
N HIS A 93 20.49 5.15 -4.30
CA HIS A 93 19.78 3.93 -3.91
C HIS A 93 18.93 4.12 -2.67
N THR A 94 17.95 3.23 -2.51
CA THR A 94 16.96 3.32 -1.46
C THR A 94 16.96 2.07 -0.57
N ILE A 95 17.04 2.24 0.75
CA ILE A 95 16.70 1.16 1.66
C ILE A 95 15.40 1.50 2.36
N GLN A 96 14.50 0.53 2.38
CA GLN A 96 13.21 0.61 3.08
C GLN A 96 13.05 -0.50 4.11
N VAL A 97 12.41 -0.17 5.23
CA VAL A 97 12.16 -1.12 6.30
C VAL A 97 10.75 -0.95 6.89
N ILE A 98 10.02 -2.06 7.00
CA ILE A 98 8.77 -2.09 7.76
C ILE A 98 9.01 -2.89 9.04
N SER A 99 8.70 -2.27 10.17
CA SER A 99 9.05 -2.81 11.47
C SER A 99 7.96 -2.56 12.52
N GLY A 100 7.57 -3.63 13.20
CA GLY A 100 6.52 -3.53 14.19
C GLY A 100 5.73 -4.79 14.47
N CYS A 101 4.66 -4.61 15.25
CA CYS A 101 3.87 -5.73 15.75
C CYS A 101 2.36 -5.48 15.69
N GLU A 102 1.60 -6.56 15.76
CA GLU A 102 0.14 -6.52 15.84
C GLU A 102 -0.34 -7.36 17.03
N VAL A 103 -1.31 -6.85 17.76
CA VAL A 103 -1.85 -7.57 18.92
C VAL A 103 -3.38 -7.65 18.87
N GLY A 104 -3.94 -8.72 19.46
CA GLY A 104 -5.38 -8.95 19.42
C GLY A 104 -6.10 -8.34 20.60
N SER A 105 -7.35 -8.76 20.81
CA SER A 105 -8.22 -8.24 21.88
C SER A 105 -7.53 -8.31 23.22
N ASP A 106 -6.93 -9.46 23.51
CA ASP A 106 -6.24 -9.68 24.77
C ASP A 106 -4.91 -8.95 24.88
N GLY A 107 -4.55 -8.21 23.83
CA GLY A 107 -3.24 -7.54 23.75
C GLY A 107 -2.10 -8.54 23.73
N ARG A 108 -2.27 -9.62 22.97
CA ARG A 108 -1.22 -10.61 22.78
C ARG A 108 -0.80 -10.60 21.32
N LEU A 109 0.48 -10.81 21.08
CA LEU A 109 1.05 -10.61 19.75
C LEU A 109 0.53 -11.62 18.73
N LEU A 110 -0.17 -11.12 17.72
CA LEU A 110 -0.55 -11.96 16.61
C LEU A 110 0.63 -12.12 15.65
N ARG A 111 0.88 -11.13 14.80
CA ARG A 111 2.04 -11.16 13.89
C ARG A 111 3.09 -10.07 14.16
N GLY A 112 4.36 -10.47 14.07
CA GLY A 112 5.49 -9.53 14.09
C GLY A 112 6.28 -9.53 12.79
N TYR A 113 6.69 -8.34 12.34
CA TYR A 113 7.51 -8.22 11.13
C TYR A 113 8.72 -7.27 11.19
N GLN A 114 9.81 -7.75 10.58
CA GLN A 114 10.91 -6.91 10.13
C GLN A 114 11.13 -7.20 8.66
N GLN A 115 10.78 -6.21 7.85
CA GLN A 115 10.80 -6.38 6.42
C GLN A 115 11.70 -5.34 5.75
N TYR A 116 12.64 -5.85 4.98
CA TYR A 116 13.58 -5.04 4.27
C TYR A 116 13.35 -5.09 2.78
N ALA A 117 13.61 -3.95 2.14
CA ALA A 117 13.69 -3.86 0.68
C ALA A 117 14.80 -2.90 0.26
N TYR A 118 15.47 -3.26 -0.82
CA TYR A 118 16.48 -2.43 -1.42
C TYR A 118 16.02 -2.01 -2.83
N ASP A 119 16.06 -0.73 -3.11
CA ASP A 119 15.71 -0.26 -4.45
C ASP A 119 14.31 -0.63 -4.93
N GLY A 120 13.41 -0.84 -3.98
CA GLY A 120 12.00 -1.01 -4.29
C GLY A 120 11.59 -2.46 -4.37
N CYS A 121 12.47 -3.37 -3.94
CA CYS A 121 12.20 -4.81 -3.94
C CYS A 121 12.59 -5.52 -2.65
N ASP A 122 11.82 -6.55 -2.29
CA ASP A 122 12.15 -7.40 -1.13
C ASP A 122 13.66 -7.63 -1.08
N TYR A 123 14.26 -7.34 0.08
CA TYR A 123 15.64 -7.74 0.29
C TYR A 123 15.69 -8.94 1.23
N ILE A 124 15.20 -8.76 2.46
CA ILE A 124 15.12 -9.86 3.42
C ILE A 124 13.97 -9.58 4.38
N ALA A 125 13.33 -10.62 4.89
CA ALA A 125 12.20 -10.45 5.80
C ALA A 125 12.22 -11.51 6.88
N LEU A 126 11.75 -11.15 8.06
CA LEU A 126 11.64 -12.10 9.15
C LEU A 126 10.37 -12.90 8.96
N ASN A 127 10.52 -14.23 8.86
CA ASN A 127 9.34 -15.10 8.76
C ASN A 127 8.44 -15.00 10.00
N GLU A 128 7.15 -15.28 9.80
CA GLU A 128 6.12 -15.32 10.85
C GLU A 128 6.56 -16.06 12.09
N ASP A 129 7.29 -17.14 11.91
CA ASP A 129 7.75 -17.93 13.03
C ASP A 129 8.65 -17.13 13.93
N LEU A 130 9.07 -15.95 13.47
CA LEU A 130 10.06 -15.11 14.15
C LEU A 130 11.35 -15.85 14.52
N LYS A 131 11.76 -16.82 13.71
CA LYS A 131 13.01 -17.54 13.98
C LYS A 131 13.90 -17.61 12.75
N THR A 132 13.30 -17.46 11.56
CA THR A 132 14.00 -17.69 10.28
C THR A 132 13.72 -16.59 9.28
N TRP A 133 14.65 -16.40 8.34
CA TRP A 133 14.52 -15.33 7.34
C TRP A 133 14.23 -15.90 5.96
N THR A 134 13.46 -15.18 5.15
CA THR A 134 13.57 -15.46 3.74
C THR A 134 14.31 -14.35 3.04
N ALA A 135 15.17 -14.77 2.12
CA ALA A 135 16.12 -13.91 1.45
C ALA A 135 15.76 -13.84 -0.01
N ALA A 136 15.71 -12.63 -0.54
CA ALA A 136 15.30 -12.47 -1.91
C ALA A 136 16.37 -12.88 -2.90
N ASP A 137 17.65 -12.68 -2.59
CA ASP A 137 18.71 -12.93 -3.56
C ASP A 137 20.06 -13.35 -2.94
N MET A 138 21.04 -13.69 -3.78
CA MET A 138 22.37 -14.03 -3.28
C MET A 138 22.94 -12.97 -2.32
N ALA A 139 22.60 -11.70 -2.56
CA ALA A 139 23.05 -10.66 -1.68
C ALA A 139 22.44 -10.84 -0.30
N ALA A 140 21.12 -10.97 -0.24
CA ALA A 140 20.39 -11.14 1.02
C ALA A 140 20.85 -12.38 1.78
N LEU A 141 21.28 -13.39 1.05
CA LEU A 141 21.86 -14.59 1.62
C LEU A 141 23.08 -14.28 2.50
N ILE A 142 23.78 -13.19 2.21
CA ILE A 142 24.94 -12.79 3.02
C ILE A 142 24.43 -12.27 4.37
N THR A 143 23.51 -11.30 4.33
CA THR A 143 22.90 -10.80 5.55
C THR A 143 22.32 -11.96 6.37
N LYS A 144 21.65 -12.89 5.68
CA LYS A 144 21.03 -14.02 6.36
C LYS A 144 22.07 -14.76 7.18
N HIS A 145 23.16 -15.16 6.54
CA HIS A 145 24.22 -15.87 7.21
C HIS A 145 24.74 -15.03 8.38
N LYS A 146 25.06 -13.76 8.10
CA LYS A 146 25.54 -12.81 9.10
C LYS A 146 24.59 -12.77 10.31
N TRP A 147 23.34 -12.41 10.06
CA TRP A 147 22.33 -12.29 11.11
C TRP A 147 22.02 -13.62 11.80
N GLU A 148 22.35 -14.73 11.13
CA GLU A 148 22.17 -16.06 11.73
C GLU A 148 23.22 -16.35 12.78
N GLN A 149 24.45 -15.94 12.50
CA GLN A 149 25.55 -16.04 13.46
C GLN A 149 25.41 -15.05 14.60
N ALA A 150 24.84 -13.88 14.31
CA ALA A 150 24.66 -12.87 15.34
C ALA A 150 23.40 -13.09 16.18
N GLY A 151 22.57 -14.05 15.79
CA GLY A 151 21.28 -14.28 16.44
C GLY A 151 20.28 -13.14 16.33
N GLU A 152 20.29 -12.40 15.22
CA GLU A 152 19.33 -11.32 14.97
C GLU A 152 17.87 -11.66 15.27
N ALA A 153 17.44 -12.83 14.80
CA ALA A 153 16.07 -13.29 14.97
C ALA A 153 15.73 -13.50 16.44
N GLU A 154 16.64 -14.12 17.19
CA GLU A 154 16.48 -14.26 18.64
C GLU A 154 16.18 -12.87 19.21
N ARG A 155 17.00 -11.89 18.85
CA ARG A 155 16.93 -10.53 19.39
C ARG A 155 15.62 -9.83 19.01
N LEU A 156 15.21 -10.01 17.77
CA LEU A 156 14.03 -9.38 17.23
C LEU A 156 12.74 -9.97 17.76
N ARG A 157 12.74 -11.29 18.00
CA ARG A 157 11.61 -11.98 18.64
C ARG A 157 11.28 -11.35 19.98
N ALA A 158 12.34 -11.14 20.78
CA ALA A 158 12.26 -10.52 22.09
C ALA A 158 11.70 -9.09 22.03
N TYR A 159 12.14 -8.31 21.03
CA TYR A 159 11.64 -6.96 20.85
C TYR A 159 10.15 -6.97 20.56
N LEU A 160 9.81 -7.71 19.50
CA LEU A 160 8.44 -7.77 18.97
C LEU A 160 7.42 -8.28 19.98
N GLU A 161 7.86 -9.16 20.87
CA GLU A 161 6.95 -9.73 21.85
C GLU A 161 6.93 -8.83 23.06
N GLY A 162 8.11 -8.47 23.56
CA GLY A 162 8.24 -7.72 24.81
C GLY A 162 7.99 -6.24 24.66
N THR A 163 8.99 -5.56 24.08
CA THR A 163 9.01 -4.09 23.93
C THR A 163 7.89 -3.54 23.03
N CYS A 164 7.70 -4.12 21.85
CA CYS A 164 6.74 -3.59 20.88
C CYS A 164 5.33 -3.61 21.45
N VAL A 165 4.96 -4.75 22.00
CA VAL A 165 3.61 -4.98 22.49
C VAL A 165 3.31 -3.98 23.60
N GLU A 166 4.33 -3.70 24.39
CA GLU A 166 4.20 -2.83 25.55
C GLU A 166 4.08 -1.37 25.16
N TRP A 167 4.86 -0.95 24.15
CA TRP A 167 4.81 0.43 23.69
C TRP A 167 3.49 0.71 23.00
N LEU A 168 3.04 -0.28 22.22
CA LEU A 168 1.73 -0.22 21.55
C LEU A 168 0.58 -0.02 22.55
N ARG A 169 0.59 -0.77 23.64
CA ARG A 169 -0.48 -0.68 24.62
C ARG A 169 -0.57 0.74 25.20
N ARG A 170 0.59 1.35 25.44
CA ARG A 170 0.67 2.70 25.97
C ARG A 170 0.01 3.69 24.99
N TYR A 171 0.58 3.81 23.79
CA TYR A 171 0.07 4.74 22.76
C TYR A 171 -1.46 4.74 22.56
N LEU A 172 -2.08 3.56 22.65
CA LEU A 172 -3.56 3.42 22.61
C LEU A 172 -4.26 4.04 23.83
N LYS A 173 -3.65 3.91 25.01
CA LYS A 173 -4.16 4.63 26.18
C LYS A 173 -3.84 6.11 26.07
N ASN A 174 -2.81 6.44 25.27
CA ASN A 174 -2.39 7.82 25.12
C ASN A 174 -3.41 8.62 24.34
N GLY A 175 -4.04 7.94 23.38
CA GLY A 175 -5.16 8.53 22.67
C GLY A 175 -6.17 7.48 22.31
N ASN A 176 -7.21 7.33 23.13
CA ASN A 176 -8.35 6.47 22.81
C ASN A 176 -9.21 7.17 21.76
N ALA A 177 -9.50 8.45 22.04
CA ALA A 177 -10.15 9.38 21.12
C ALA A 177 -9.34 9.56 19.84
N THR A 178 -10.02 10.00 18.78
CA THR A 178 -9.40 10.19 17.46
C THR A 178 -8.98 8.86 16.83
N LEU A 179 -8.64 7.88 17.67
CA LEU A 179 -8.15 6.56 17.22
C LEU A 179 -9.21 5.48 17.06
N LEU A 180 -10.03 5.30 18.09
CA LEU A 180 -11.17 4.40 18.01
C LEU A 180 -12.31 4.99 17.16
N ARG A 181 -12.20 6.27 16.81
CA ARG A 181 -13.29 7.03 16.22
C ARG A 181 -13.61 6.56 14.80
N THR A 182 -14.87 6.71 14.44
CA THR A 182 -15.39 6.25 13.17
C THR A 182 -16.22 7.36 12.52
N ASP A 183 -15.95 7.64 11.26
CA ASP A 183 -16.86 8.50 10.49
C ASP A 183 -17.47 7.65 9.37
N SER A 184 -18.79 7.58 9.35
CA SER A 184 -19.48 6.81 8.32
C SER A 184 -19.37 7.51 6.97
N PRO A 185 -19.31 6.74 5.88
CA PRO A 185 -19.30 7.34 4.57
C PRO A 185 -20.65 7.94 4.23
N LYS A 186 -20.66 9.18 3.79
CA LYS A 186 -21.86 9.74 3.24
C LYS A 186 -21.82 9.42 1.77
N ALA A 187 -22.83 8.70 1.29
CA ALA A 187 -22.86 8.23 -0.08
C ALA A 187 -24.00 8.81 -0.92
N HIS A 188 -23.75 8.94 -2.22
CA HIS A 188 -24.79 9.26 -3.20
C HIS A 188 -24.37 8.80 -4.59
N VAL A 189 -25.33 8.71 -5.52
CA VAL A 189 -25.05 8.33 -6.90
C VAL A 189 -25.16 9.56 -7.79
N THR A 190 -24.32 9.65 -8.82
CA THR A 190 -24.46 10.77 -9.76
C THR A 190 -24.64 10.28 -11.19
N HIS A 191 -25.59 10.90 -11.87
CA HIS A 191 -25.93 10.61 -13.23
C HIS A 191 -25.03 11.44 -14.14
N HIS A 192 -24.36 10.80 -15.10
CA HIS A 192 -23.57 11.49 -16.14
C HIS A 192 -23.89 10.97 -17.52
N SER A 193 -24.15 11.88 -18.46
CA SER A 193 -24.55 11.49 -19.81
C SER A 193 -23.38 11.13 -20.72
N ARG A 194 -23.65 10.27 -21.70
CA ARG A 194 -22.63 9.74 -22.61
C ARG A 194 -23.16 9.49 -24.04
N PRO A 195 -22.25 9.25 -25.02
CA PRO A 195 -22.73 8.92 -26.37
C PRO A 195 -23.44 7.57 -26.45
N GLU A 196 -24.43 7.48 -27.35
CA GLU A 196 -25.12 6.22 -27.66
C GLU A 196 -26.07 5.74 -26.56
N ASP A 197 -27.15 6.53 -26.36
CA ASP A 197 -28.16 6.33 -25.29
C ASP A 197 -27.68 5.51 -24.06
N LYS A 198 -26.57 5.97 -23.46
CA LYS A 198 -25.92 5.35 -22.30
C LYS A 198 -25.77 6.33 -21.14
N VAL A 199 -25.73 5.80 -19.90
CA VAL A 199 -25.41 6.61 -18.71
C VAL A 199 -24.29 6.02 -17.88
N THR A 200 -23.44 6.90 -17.35
CA THR A 200 -22.47 6.56 -16.30
C THR A 200 -23.06 6.91 -14.94
N LEU A 201 -23.23 5.89 -14.09
CA LEU A 201 -23.65 6.10 -12.71
C LEU A 201 -22.43 6.04 -11.81
N ARG A 202 -22.24 7.09 -11.01
CA ARG A 202 -21.07 7.17 -10.17
C ARG A 202 -21.48 7.16 -8.75
N CYS A 203 -20.98 6.15 -8.03
CA CYS A 203 -21.30 5.98 -6.64
C CYS A 203 -20.22 6.62 -5.78
N TRP A 204 -20.62 7.48 -4.87
CA TRP A 204 -19.66 8.27 -4.10
C TRP A 204 -19.65 7.93 -2.64
N ALA A 205 -18.46 7.84 -2.07
CA ALA A 205 -18.32 7.72 -0.65
C ALA A 205 -17.38 8.82 -0.21
N LEU A 206 -17.86 9.63 0.74
CA LEU A 206 -17.20 10.89 1.11
C LEU A 206 -17.14 11.10 2.61
N GLY A 207 -16.03 11.65 3.08
CA GLY A 207 -15.84 12.00 4.49
C GLY A 207 -15.87 10.85 5.50
N PHE A 208 -15.47 9.67 5.05
CA PHE A 208 -15.46 8.53 5.95
C PHE A 208 -14.10 8.40 6.59
N TYR A 209 -14.07 7.66 7.71
CA TYR A 209 -12.82 7.36 8.37
C TYR A 209 -12.72 6.17 9.33
N PRO A 210 -12.03 5.14 8.86
CA PRO A 210 -10.68 4.71 8.61
C PRO A 210 -10.70 4.59 7.07
N ALA A 211 -9.55 4.58 6.40
CA ALA A 211 -9.54 4.53 4.93
C ALA A 211 -10.29 3.35 4.33
N ASP A 212 -10.22 2.18 4.97
CA ASP A 212 -10.80 0.94 4.44
C ASP A 212 -12.31 0.96 4.22
N ILE A 213 -12.69 0.70 2.98
CA ILE A 213 -14.08 0.76 2.54
C ILE A 213 -14.23 -0.14 1.34
N THR A 214 -15.43 -0.64 1.09
CA THR A 214 -15.69 -1.36 -0.16
C THR A 214 -16.91 -0.73 -0.84
N LEU A 215 -16.77 -0.44 -2.14
CA LEU A 215 -17.88 0.01 -2.98
C LEU A 215 -18.12 -1.02 -4.08
N THR A 216 -19.29 -1.63 -4.11
CA THR A 216 -19.57 -2.46 -5.28
C THR A 216 -20.84 -2.03 -5.95
N TRP A 217 -20.94 -2.31 -7.25
CA TRP A 217 -22.19 -2.23 -8.03
C TRP A 217 -22.75 -3.62 -8.30
N GLN A 218 -24.07 -3.70 -8.40
CA GLN A 218 -24.78 -4.94 -8.68
C GLN A 218 -25.85 -4.69 -9.72
N LEU A 219 -26.04 -5.64 -10.62
CA LEU A 219 -27.21 -5.66 -11.50
C LEU A 219 -28.06 -6.87 -11.12
N ASN A 220 -29.28 -6.60 -10.65
CA ASN A 220 -30.23 -7.63 -10.25
C ASN A 220 -29.70 -8.66 -9.23
N GLY A 221 -28.93 -8.17 -8.26
CA GLY A 221 -28.45 -8.99 -7.16
C GLY A 221 -27.05 -9.50 -7.37
N GLU A 222 -26.48 -9.23 -8.53
CA GLU A 222 -25.18 -9.79 -8.87
C GLU A 222 -24.17 -8.69 -9.04
N GLU A 223 -23.03 -8.86 -8.37
CA GLU A 223 -21.89 -7.93 -8.43
C GLU A 223 -21.28 -7.87 -9.82
N LEU A 224 -21.14 -6.65 -10.32
CA LEU A 224 -20.45 -6.37 -11.58
C LEU A 224 -19.02 -6.05 -11.23
N ILE A 225 -18.19 -7.07 -11.18
CA ILE A 225 -16.80 -6.89 -10.75
C ILE A 225 -15.90 -6.48 -11.92
N GLN A 226 -16.17 -7.03 -13.11
CA GLN A 226 -15.66 -6.51 -14.36
C GLN A 226 -16.44 -5.22 -14.56
N ASP A 227 -16.54 -4.70 -15.78
CA ASP A 227 -17.55 -3.67 -16.17
C ASP A 227 -17.47 -2.34 -15.38
N MET A 228 -16.78 -2.37 -14.25
CA MET A 228 -16.87 -1.33 -13.21
C MET A 228 -15.53 -0.63 -13.02
N GLU A 229 -15.48 0.70 -13.14
CA GLU A 229 -14.26 1.44 -12.81
C GLU A 229 -14.26 1.90 -11.36
N LEU A 230 -13.08 2.20 -10.81
CA LEU A 230 -12.91 2.34 -9.37
C LEU A 230 -11.60 3.02 -8.98
N VAL A 231 -11.63 4.32 -8.67
CA VAL A 231 -10.41 4.99 -8.17
C VAL A 231 -9.89 4.43 -6.83
N GLU A 232 -8.61 4.64 -6.56
CA GLU A 232 -7.99 4.29 -5.29
C GLU A 232 -8.44 5.27 -4.20
N THR A 233 -8.70 4.78 -2.97
CA THR A 233 -9.08 5.66 -1.85
C THR A 233 -8.06 6.79 -1.65
N ARG A 234 -8.56 8.03 -1.55
CA ARG A 234 -7.71 9.22 -1.54
C ARG A 234 -7.95 10.02 -0.28
N PRO A 235 -6.92 10.70 0.23
CA PRO A 235 -7.19 11.49 1.42
C PRO A 235 -7.86 12.80 1.05
N ALA A 236 -8.84 13.21 1.84
CA ALA A 236 -9.45 14.53 1.66
C ALA A 236 -8.50 15.63 2.14
N GLY A 237 -7.61 15.27 3.05
CA GLY A 237 -6.68 16.23 3.66
C GLY A 237 -7.12 16.69 5.04
N ASP A 238 -8.43 16.54 5.33
CA ASP A 238 -9.01 16.93 6.61
C ASP A 238 -9.03 15.78 7.64
N GLY A 239 -8.41 14.64 7.32
CA GLY A 239 -8.39 13.50 8.22
C GLY A 239 -9.23 12.36 7.66
N THR A 240 -10.27 12.72 6.92
CA THR A 240 -11.11 11.75 6.24
C THR A 240 -10.64 11.36 4.82
N PHE A 241 -11.42 10.47 4.21
CA PHE A 241 -11.09 9.88 2.94
C PHE A 241 -12.26 9.85 1.99
N GLN A 242 -11.95 9.78 0.70
CA GLN A 242 -12.98 9.68 -0.32
C GLN A 242 -12.69 8.61 -1.37
N LYS A 243 -13.76 8.21 -2.05
CA LYS A 243 -13.71 7.12 -3.01
C LYS A 243 -14.97 7.14 -3.88
N TRP A 244 -14.83 6.74 -5.14
CA TRP A 244 -16.00 6.45 -5.95
C TRP A 244 -15.83 5.19 -6.77
N ALA A 245 -16.93 4.74 -7.34
CA ALA A 245 -16.95 3.55 -8.16
C ALA A 245 -18.12 3.72 -9.12
N SER A 246 -17.86 3.52 -10.41
CA SER A 246 -18.87 3.79 -11.41
C SER A 246 -19.07 2.60 -12.32
N VAL A 247 -20.07 2.74 -13.18
CA VAL A 247 -20.52 1.68 -14.09
C VAL A 247 -21.24 2.34 -15.27
N VAL A 248 -21.41 1.61 -16.37
CA VAL A 248 -22.10 2.18 -17.55
C VAL A 248 -23.36 1.41 -17.85
N VAL A 249 -24.45 2.13 -18.12
CA VAL A 249 -25.81 1.59 -18.13
C VAL A 249 -26.73 2.35 -19.11
N PRO A 250 -27.67 1.64 -19.76
CA PRO A 250 -28.44 2.30 -20.80
C PRO A 250 -29.58 3.16 -20.25
N LEU A 251 -29.78 4.35 -20.86
CA LEU A 251 -30.81 5.31 -20.43
C LEU A 251 -32.15 4.61 -20.22
N GLY A 252 -32.79 4.87 -19.07
CA GLY A 252 -34.05 4.20 -18.71
C GLY A 252 -33.87 3.09 -17.66
N LYS A 253 -32.81 2.29 -17.84
CA LYS A 253 -32.53 1.12 -17.00
C LYS A 253 -31.69 1.43 -15.75
N GLU A 254 -31.68 2.69 -15.30
CA GLU A 254 -30.85 3.09 -14.15
C GLU A 254 -31.26 2.34 -12.89
N GLN A 255 -32.56 2.22 -12.70
CA GLN A 255 -33.08 1.62 -11.51
C GLN A 255 -32.76 0.13 -11.27
N TYR A 256 -32.31 -0.61 -12.30
CA TYR A 256 -31.93 -2.01 -12.14
C TYR A 256 -30.55 -2.21 -11.49
N TYR A 257 -29.96 -1.14 -10.99
CA TYR A 257 -28.56 -1.13 -10.60
C TYR A 257 -28.37 -0.55 -9.21
N THR A 258 -27.88 -1.34 -8.26
CA THR A 258 -27.66 -0.82 -6.91
C THR A 258 -26.19 -0.71 -6.53
N CYS A 259 -25.87 0.37 -5.82
CA CYS A 259 -24.54 0.58 -5.28
C CYS A 259 -24.51 0.13 -3.85
N HIS A 260 -23.37 -0.39 -3.39
CA HIS A 260 -23.28 -0.92 -2.02
C HIS A 260 -22.07 -0.41 -1.33
N VAL A 261 -22.26 0.02 -0.07
CA VAL A 261 -21.18 0.63 0.70
C VAL A 261 -20.92 -0.14 1.98
N TYR A 262 -19.67 -0.57 2.11
CA TYR A 262 -19.23 -1.39 3.24
C TYR A 262 -18.12 -0.67 3.97
N HIS A 263 -18.38 -0.27 5.20
CA HIS A 263 -17.39 0.48 5.95
C HIS A 263 -17.58 0.19 7.42
N GLN A 264 -16.46 -0.07 8.10
CA GLN A 264 -16.55 -0.67 9.44
C GLN A 264 -17.23 0.23 10.49
N GLY A 265 -17.67 1.40 10.08
CA GLY A 265 -18.47 2.27 10.95
C GLY A 265 -19.90 2.42 10.51
N LEU A 266 -20.36 1.49 9.66
CA LEU A 266 -21.75 1.46 9.21
C LEU A 266 -22.53 0.33 9.88
N PRO A 267 -23.74 0.65 10.39
CA PRO A 267 -24.60 -0.35 11.06
C PRO A 267 -24.80 -1.58 10.15
N GLU A 268 -25.73 -1.48 9.18
CA GLU A 268 -25.79 -2.39 8.04
C GLU A 268 -25.14 -1.68 6.85
N PRO A 269 -24.66 -2.45 5.86
CA PRO A 269 -24.10 -1.88 4.64
C PRO A 269 -25.12 -1.00 3.95
N LEU A 270 -24.66 0.02 3.23
CA LEU A 270 -25.56 0.95 2.53
C LEU A 270 -25.97 0.50 1.12
N THR A 271 -27.20 0.83 0.73
CA THR A 271 -27.71 0.51 -0.58
C THR A 271 -28.33 1.73 -1.23
N LEU A 272 -27.94 2.00 -2.48
CA LEU A 272 -28.30 3.24 -3.15
C LEU A 272 -28.60 3.04 -4.63
N ARG A 273 -29.42 3.95 -5.17
CA ARG A 273 -29.72 4.07 -6.61
C ARG A 273 -29.93 5.54 -6.90
N TRP A 274 -29.86 5.95 -8.17
CA TRP A 274 -30.24 7.33 -8.59
C TRP A 274 -31.71 7.54 -8.34
N ILE B 1 13.15 -2.32 -11.21
CA ILE B 1 13.18 -0.99 -10.49
C ILE B 1 12.51 0.03 -11.42
N GLN B 2 12.06 1.15 -10.84
CA GLN B 2 11.32 2.22 -11.57
C GLN B 2 9.82 1.97 -11.78
N LYS B 3 8.98 2.74 -11.07
CA LYS B 3 7.51 2.61 -11.11
C LYS B 3 6.87 3.96 -11.46
N THR B 4 5.97 3.97 -12.44
CA THR B 4 5.21 5.18 -12.84
C THR B 4 4.14 5.66 -11.83
N PRO B 5 4.19 6.95 -11.46
CA PRO B 5 3.21 7.52 -10.52
C PRO B 5 1.79 7.46 -11.05
N GLN B 6 0.85 7.21 -10.16
CA GLN B 6 -0.56 7.41 -10.46
C GLN B 6 -0.93 8.74 -9.89
N ILE B 7 -1.86 9.43 -10.55
CA ILE B 7 -2.24 10.80 -10.19
C ILE B 7 -3.74 10.96 -10.09
N GLN B 8 -4.20 11.48 -8.96
CA GLN B 8 -5.59 11.90 -8.80
C GLN B 8 -5.63 13.36 -8.42
N VAL B 9 -6.47 14.13 -9.11
CA VAL B 9 -6.63 15.55 -8.83
C VAL B 9 -8.08 15.77 -8.50
N TYR B 10 -8.36 16.20 -7.28
CA TYR B 10 -9.74 16.32 -6.83
C TYR B 10 -9.86 17.43 -5.79
N SER B 11 -11.06 17.95 -5.59
CA SER B 11 -11.32 18.96 -4.55
C SER B 11 -11.62 18.29 -3.21
N ARG B 12 -11.30 18.97 -2.11
CA ARG B 12 -11.63 18.48 -0.77
C ARG B 12 -13.13 18.53 -0.48
N HIS B 13 -13.81 19.55 -1.01
CA HIS B 13 -15.23 19.73 -0.73
C HIS B 13 -16.05 19.78 -2.03
N PRO B 14 -17.37 19.51 -1.96
CA PRO B 14 -18.19 19.63 -3.15
C PRO B 14 -18.00 20.96 -3.86
N PRO B 15 -17.58 20.91 -5.13
CA PRO B 15 -17.21 22.13 -5.86
C PRO B 15 -18.39 22.95 -6.41
N GLU B 16 -18.68 24.09 -5.80
CA GLU B 16 -19.59 25.08 -6.42
C GLU B 16 -18.74 26.19 -6.99
N ASN B 17 -18.94 26.52 -8.27
CA ASN B 17 -18.21 27.63 -8.88
C ASN B 17 -18.43 28.91 -8.11
N GLY B 18 -17.36 29.60 -7.76
CA GLY B 18 -17.44 30.81 -6.94
C GLY B 18 -17.14 30.56 -5.47
N LYS B 19 -17.44 29.35 -4.98
CA LYS B 19 -17.18 28.95 -3.59
C LYS B 19 -15.70 28.59 -3.44
N PRO B 20 -14.96 29.28 -2.52
CA PRO B 20 -13.55 28.92 -2.32
C PRO B 20 -13.41 27.48 -1.82
N ASN B 21 -12.28 26.84 -2.13
CA ASN B 21 -12.11 25.41 -1.88
C ASN B 21 -10.64 25.00 -1.81
N ILE B 22 -10.39 23.69 -1.83
CA ILE B 22 -9.05 23.15 -1.74
C ILE B 22 -8.89 22.09 -2.82
N LEU B 23 -7.76 22.16 -3.54
CA LEU B 23 -7.47 21.23 -4.62
C LEU B 23 -6.32 20.34 -4.22
N ASN B 24 -6.54 19.04 -4.40
CA ASN B 24 -5.55 18.00 -4.09
C ASN B 24 -4.97 17.34 -5.31
N CYS B 25 -3.69 17.02 -5.20
CA CYS B 25 -3.01 16.17 -6.14
C CYS B 25 -2.34 15.05 -5.36
N TYR B 26 -2.84 13.84 -5.61
CA TYR B 26 -2.48 12.69 -4.83
C TYR B 26 -1.70 11.82 -5.75
N VAL B 27 -0.40 11.74 -5.52
CA VAL B 27 0.52 11.07 -6.45
C VAL B 27 1.09 9.85 -5.77
N THR B 28 0.83 8.67 -6.35
CA THR B 28 1.05 7.42 -5.61
C THR B 28 1.71 6.35 -6.45
N GLN B 29 2.10 5.25 -5.80
CA GLN B 29 2.51 4.02 -6.50
C GLN B 29 3.76 4.13 -7.38
N PHE B 30 4.72 4.95 -6.95
CA PHE B 30 5.86 5.27 -7.81
C PHE B 30 7.18 4.99 -7.16
N HIS B 31 8.21 4.80 -7.97
CA HIS B 31 9.52 4.55 -7.44
C HIS B 31 10.74 4.79 -8.32
N PRO B 32 11.43 5.90 -8.07
CA PRO B 32 12.41 6.16 -7.05
C PRO B 32 11.68 7.26 -6.24
N PRO B 33 12.02 7.45 -4.96
CA PRO B 33 11.18 8.47 -4.26
C PRO B 33 11.33 9.93 -4.79
N HIS B 34 12.31 10.20 -5.64
CA HIS B 34 12.51 11.55 -6.12
C HIS B 34 11.40 11.91 -7.10
N ILE B 35 10.75 13.05 -6.88
CA ILE B 35 9.62 13.45 -7.71
C ILE B 35 9.46 14.96 -7.70
N GLU B 36 8.91 15.53 -8.77
CA GLU B 36 8.58 16.96 -8.79
C GLU B 36 7.12 17.16 -9.18
N ILE B 37 6.37 17.83 -8.30
CA ILE B 37 4.95 18.01 -8.53
C ILE B 37 4.62 19.47 -8.59
N GLN B 38 3.93 19.88 -9.64
CA GLN B 38 3.48 21.24 -9.78
C GLN B 38 1.96 21.28 -9.82
N MET B 39 1.37 22.39 -9.39
CA MET B 39 -0.06 22.59 -9.58
C MET B 39 -0.33 23.79 -10.48
N LEU B 40 -1.06 23.57 -11.58
CA LEU B 40 -1.24 24.57 -12.62
C LEU B 40 -2.63 25.17 -12.62
N LYS B 41 -2.70 26.49 -12.63
CA LYS B 41 -3.95 27.20 -12.89
C LYS B 41 -3.90 27.83 -14.29
N ASN B 42 -4.83 27.40 -15.14
CA ASN B 42 -4.89 27.76 -16.57
C ASN B 42 -3.70 27.31 -17.44
N GLY B 43 -2.54 27.23 -16.81
CA GLY B 43 -1.32 26.72 -17.42
C GLY B 43 -0.18 27.22 -16.57
N LYS B 44 -0.53 28.05 -15.60
CA LYS B 44 0.45 28.76 -14.81
C LYS B 44 0.67 28.06 -13.46
N LYS B 45 1.94 27.90 -13.06
CA LYS B 45 2.31 27.31 -11.77
C LYS B 45 1.73 28.12 -10.63
N ILE B 46 1.20 27.42 -9.64
CA ILE B 46 0.66 28.05 -8.44
C ILE B 46 1.77 28.21 -7.40
N PRO B 47 2.13 29.47 -7.07
CA PRO B 47 3.26 29.71 -6.18
C PRO B 47 3.16 28.89 -4.90
N LYS B 48 4.27 28.21 -4.58
CA LYS B 48 4.42 27.33 -3.41
C LYS B 48 3.18 26.50 -3.03
N VAL B 49 2.97 25.45 -3.79
CA VAL B 49 2.01 24.40 -3.45
C VAL B 49 2.53 23.73 -2.18
N GLU B 50 1.64 23.32 -1.28
CA GLU B 50 2.03 22.61 -0.06
C GLU B 50 2.20 21.11 -0.27
N MET B 51 3.31 20.58 0.21
CA MET B 51 3.59 19.17 0.09
C MET B 51 3.45 18.46 1.42
N SER B 52 2.65 17.39 1.45
CA SER B 52 2.67 16.49 2.61
C SER B 52 4.02 15.82 2.62
N ASP B 53 4.33 15.10 3.68
CA ASP B 53 5.57 14.34 3.73
C ASP B 53 5.43 13.07 2.89
N MET B 54 6.56 12.59 2.38
CA MET B 54 6.50 11.36 1.62
C MET B 54 6.42 10.19 2.58
N SER B 55 5.76 9.13 2.13
CA SER B 55 5.66 7.90 2.88
C SER B 55 5.61 6.81 1.83
N PHE B 56 5.64 5.54 2.26
CA PHE B 56 5.41 4.44 1.34
C PHE B 56 4.41 3.43 1.86
N SER B 57 3.88 2.57 1.00
CA SER B 57 2.98 1.51 1.49
C SER B 57 3.65 0.19 1.73
N LYS B 58 2.94 -0.68 2.46
CA LYS B 58 3.21 -2.14 2.55
C LYS B 58 3.92 -2.68 1.33
N ASP B 59 3.54 -2.20 0.15
CA ASP B 59 4.05 -2.81 -1.04
C ASP B 59 5.36 -2.19 -1.54
N TRP B 60 5.77 -1.10 -0.90
CA TRP B 60 7.05 -0.41 -1.08
C TRP B 60 6.93 0.87 -1.90
N SER B 61 5.81 1.08 -2.58
CA SER B 61 5.76 2.24 -3.49
C SER B 61 5.56 3.52 -2.73
N PHE B 62 5.95 4.64 -3.29
CA PHE B 62 5.86 5.86 -2.51
C PHE B 62 4.55 6.58 -2.76
N TYR B 63 4.13 7.34 -1.76
CA TYR B 63 2.85 8.06 -1.73
C TYR B 63 3.11 9.48 -1.25
N ILE B 64 2.51 10.46 -1.94
CA ILE B 64 2.67 11.87 -1.58
C ILE B 64 1.43 12.71 -1.90
N LEU B 65 1.19 13.76 -1.11
CA LEU B 65 0.03 14.62 -1.35
C LEU B 65 0.38 16.07 -1.45
N ALA B 66 0.14 16.63 -2.64
CA ALA B 66 0.24 18.08 -2.87
C ALA B 66 -1.13 18.71 -2.71
N HIS B 67 -1.20 19.90 -2.14
CA HIS B 67 -2.48 20.59 -2.08
C HIS B 67 -2.32 22.09 -2.04
N THR B 68 -3.31 22.78 -2.59
CA THR B 68 -3.34 24.23 -2.52
C THR B 68 -4.78 24.74 -2.48
N GLU B 69 -4.96 26.00 -2.10
CA GLU B 69 -6.30 26.59 -2.10
C GLU B 69 -6.64 27.08 -3.50
N PHE B 70 -7.90 26.91 -3.88
CA PHE B 70 -8.36 27.28 -5.21
C PHE B 70 -9.84 27.66 -5.18
N THR B 71 -10.26 28.46 -6.14
CA THR B 71 -11.68 28.73 -6.27
C THR B 71 -12.20 28.32 -7.62
N PRO B 72 -12.92 27.19 -7.66
CA PRO B 72 -13.33 26.61 -8.92
C PRO B 72 -14.25 27.58 -9.63
N THR B 73 -14.12 27.68 -10.95
CA THR B 73 -15.09 28.44 -11.73
C THR B 73 -15.54 27.56 -12.88
N GLU B 74 -16.50 28.04 -13.65
CA GLU B 74 -16.87 27.37 -14.87
C GLU B 74 -15.70 27.47 -15.83
N THR B 75 -15.07 28.64 -15.86
CA THR B 75 -14.34 29.11 -17.03
C THR B 75 -12.81 29.18 -16.91
N ASP B 76 -12.20 28.14 -16.33
CA ASP B 76 -10.73 28.10 -16.12
C ASP B 76 -10.22 26.79 -15.52
N THR B 77 -9.13 26.28 -16.10
CA THR B 77 -8.66 24.92 -15.85
C THR B 77 -7.70 24.84 -14.65
N TYR B 78 -7.69 23.69 -13.97
CA TYR B 78 -6.68 23.38 -12.95
C TYR B 78 -6.05 22.03 -13.23
N ALA B 79 -4.74 21.94 -13.04
CA ALA B 79 -4.05 20.72 -13.41
C ALA B 79 -2.90 20.43 -12.47
N CYS B 80 -2.42 19.19 -12.50
CA CYS B 80 -1.28 18.78 -11.73
C CYS B 80 -0.25 18.22 -12.69
N ARG B 81 1.01 18.61 -12.53
CA ARG B 81 2.07 18.16 -13.44
C ARG B 81 3.20 17.44 -12.67
N VAL B 82 3.40 16.16 -12.98
CA VAL B 82 4.39 15.35 -12.31
C VAL B 82 5.59 15.11 -13.22
N LYS B 83 6.78 15.33 -12.68
CA LYS B 83 8.01 15.03 -13.38
C LYS B 83 8.68 13.94 -12.56
N HIS B 84 9.15 12.91 -13.25
CA HIS B 84 9.62 11.71 -12.58
C HIS B 84 10.43 10.83 -13.52
N ALA B 85 11.46 10.22 -12.97
CA ALA B 85 12.44 9.47 -13.78
C ALA B 85 11.81 8.37 -14.60
N SER B 86 10.69 7.83 -14.12
CA SER B 86 10.04 6.73 -14.83
C SER B 86 9.40 7.21 -16.11
N MET B 87 9.17 8.51 -16.24
CA MET B 87 8.42 8.98 -17.39
C MET B 87 9.30 9.76 -18.36
N ALA B 88 9.06 9.58 -19.65
CA ALA B 88 9.80 10.32 -20.65
C ALA B 88 9.45 11.81 -20.57
N GLU B 89 8.16 12.11 -20.48
CA GLU B 89 7.66 13.49 -20.49
C GLU B 89 6.94 13.73 -19.16
N PRO B 90 6.78 15.00 -18.77
CA PRO B 90 5.96 15.23 -17.59
C PRO B 90 4.52 14.87 -17.89
N LYS B 91 3.85 14.23 -16.95
CA LYS B 91 2.45 13.88 -17.09
C LYS B 91 1.64 14.98 -16.44
N THR B 92 0.59 15.42 -17.13
CA THR B 92 -0.29 16.46 -16.64
C THR B 92 -1.73 15.94 -16.58
N VAL B 93 -2.33 15.97 -15.41
CA VAL B 93 -3.70 15.50 -15.27
C VAL B 93 -4.57 16.70 -14.96
N TYR B 94 -5.59 16.89 -15.78
CA TYR B 94 -6.52 17.99 -15.56
C TYR B 94 -7.59 17.63 -14.53
N TRP B 95 -7.82 18.54 -13.59
CA TRP B 95 -8.96 18.45 -12.68
C TRP B 95 -10.30 18.34 -13.43
N ASP B 96 -11.17 17.45 -12.96
CA ASP B 96 -12.45 17.12 -13.59
C ASP B 96 -13.51 16.89 -12.49
N ARG B 97 -14.39 17.87 -12.30
CA ARG B 97 -15.23 17.96 -11.10
C ARG B 97 -16.16 16.77 -10.83
N ASP B 98 -16.31 15.90 -11.82
CA ASP B 98 -17.18 14.72 -11.74
C ASP B 98 -16.41 13.50 -11.26
N MET B 99 -15.11 13.66 -11.09
CA MET B 99 -14.23 12.54 -11.00
C MET B 99 -13.36 12.66 -9.75
N SER C 1 7.88 3.05 19.99
CA SER C 1 9.37 3.10 20.09
C SER C 1 10.01 2.12 19.10
N ILE C 2 10.68 2.66 18.10
CA ILE C 2 11.28 1.81 17.09
C ILE C 2 12.43 1.00 17.70
N ILE C 3 12.62 -0.21 17.21
CA ILE C 3 13.82 -1.00 17.51
C ILE C 3 15.06 -0.25 17.03
N ASN C 4 16.25 -0.74 17.35
CA ASN C 4 17.44 -0.17 16.69
C ASN C 4 18.11 -1.20 15.81
N PHE C 5 18.58 -0.77 14.64
CA PHE C 5 18.83 -1.69 13.55
C PHE C 5 20.19 -2.33 13.60
N GLU C 6 20.23 -3.64 13.38
CA GLU C 6 21.49 -4.33 13.24
C GLU C 6 21.95 -4.27 11.79
N LYS C 7 23.22 -3.93 11.57
CA LYS C 7 23.76 -3.76 10.22
C LYS C 7 23.56 -4.98 9.31
N LEU C 8 23.37 -4.72 8.01
CA LEU C 8 23.28 -5.76 6.98
C LEU C 8 24.67 -6.18 6.56
N ARG D 1 -0.10 -5.16 -26.95
CA ARG D 1 0.62 -6.45 -27.18
C ARG D 1 1.58 -6.75 -26.02
N GLY D 2 1.10 -6.66 -24.78
CA GLY D 2 1.94 -6.77 -23.58
C GLY D 2 2.64 -8.11 -23.38
N VAL D 3 3.53 -8.18 -22.38
CA VAL D 3 4.38 -9.37 -22.23
C VAL D 3 3.90 -10.39 -21.22
N LYS D 4 4.22 -11.65 -21.47
CA LYS D 4 3.69 -12.79 -20.72
C LYS D 4 4.58 -13.99 -21.06
N TYR D 5 4.69 -14.97 -20.18
CA TYR D 5 5.36 -16.27 -20.50
C TYR D 5 4.80 -17.42 -19.64
N TRP D 6 5.02 -18.66 -20.07
CA TRP D 6 4.65 -19.81 -19.22
C TRP D 6 5.83 -20.72 -18.80
N PHE D 7 5.63 -21.40 -17.68
CA PHE D 7 6.72 -22.09 -17.00
C PHE D 7 6.12 -23.13 -16.04
N CYS D 8 6.63 -24.35 -16.15
CA CYS D 8 6.21 -25.46 -15.31
C CYS D 8 7.20 -25.77 -14.20
N TYR D 9 6.66 -26.27 -13.09
CA TYR D 9 7.48 -26.84 -12.04
C TYR D 9 6.73 -27.99 -11.48
N SER D 10 7.44 -29.09 -11.26
CA SER D 10 6.87 -30.24 -10.62
C SER D 10 5.69 -30.72 -11.47
N THR D 11 4.51 -30.92 -10.89
CA THR D 11 3.37 -31.33 -11.71
C THR D 11 2.33 -30.23 -11.92
N LYS D 12 2.80 -28.97 -11.97
CA LYS D 12 1.94 -27.84 -12.35
C LYS D 12 2.63 -26.96 -13.40
N CYS D 13 1.83 -26.22 -14.19
CA CYS D 13 2.36 -25.13 -15.02
C CYS D 13 1.65 -23.83 -14.72
N TYR D 14 2.42 -22.75 -14.84
CA TYR D 14 1.94 -21.43 -14.53
C TYR D 14 2.03 -20.51 -15.73
N TYR D 15 1.16 -19.50 -15.73
CA TYR D 15 1.30 -18.34 -16.60
C TYR D 15 1.69 -17.17 -15.74
N PHE D 16 2.73 -16.47 -16.15
CA PHE D 16 3.14 -15.27 -15.43
C PHE D 16 2.77 -14.14 -16.32
N ILE D 17 1.96 -13.25 -15.77
CA ILE D 17 1.48 -12.11 -16.53
C ILE D 17 2.18 -10.88 -16.05
N MET D 18 3.08 -10.40 -16.90
CA MET D 18 3.90 -9.25 -16.62
C MET D 18 3.25 -7.92 -16.96
N ASN D 19 1.95 -7.90 -17.24
CA ASN D 19 1.25 -6.63 -17.37
C ASN D 19 0.53 -6.38 -16.06
N LYS D 20 0.57 -5.15 -15.56
CA LYS D 20 -0.05 -4.85 -14.26
C LYS D 20 -1.58 -4.83 -14.35
N THR D 21 -2.24 -5.39 -13.35
CA THR D 21 -3.72 -5.37 -13.28
C THR D 21 -4.21 -5.44 -11.86
N THR D 22 -5.51 -5.19 -11.68
CA THR D 22 -6.15 -5.38 -10.38
C THR D 22 -6.28 -6.86 -10.10
N TRP D 23 -6.68 -7.20 -8.87
CA TRP D 23 -6.89 -8.61 -8.55
C TRP D 23 -7.91 -9.22 -9.48
N SER D 24 -9.04 -8.56 -9.69
CA SER D 24 -10.07 -9.18 -10.49
C SER D 24 -9.68 -9.12 -11.96
N GLY D 25 -8.82 -8.16 -12.30
CA GLY D 25 -8.29 -8.09 -13.65
C GLY D 25 -7.44 -9.31 -13.94
N CYS D 26 -6.67 -9.74 -12.94
CA CYS D 26 -5.81 -10.89 -13.07
C CYS D 26 -6.62 -12.18 -13.13
N LYS D 27 -7.64 -12.29 -12.29
CA LYS D 27 -8.58 -13.40 -12.33
C LYS D 27 -9.18 -13.55 -13.73
N ALA D 28 -9.59 -12.43 -14.33
CA ALA D 28 -10.19 -12.43 -15.66
C ALA D 28 -9.21 -12.94 -16.71
N ASN D 29 -8.01 -12.36 -16.74
CA ASN D 29 -6.97 -12.77 -17.66
C ASN D 29 -6.78 -14.27 -17.68
N CYS D 30 -6.55 -14.82 -16.49
CA CYS D 30 -6.38 -16.25 -16.34
C CYS D 30 -7.50 -17.07 -17.00
N GLN D 31 -8.76 -16.72 -16.77
CA GLN D 31 -9.88 -17.41 -17.44
C GLN D 31 -9.64 -17.43 -18.93
N HIS D 32 -9.18 -16.30 -19.46
CA HIS D 32 -8.97 -16.17 -20.88
C HIS D 32 -7.89 -17.07 -21.49
N TYR D 33 -7.09 -17.72 -20.67
CA TYR D 33 -6.29 -18.82 -21.21
C TYR D 33 -6.68 -20.13 -20.52
N GLY D 34 -7.89 -20.17 -19.97
CA GLY D 34 -8.42 -21.36 -19.30
C GLY D 34 -7.60 -21.87 -18.13
N VAL D 35 -6.72 -21.03 -17.58
CA VAL D 35 -5.91 -21.40 -16.44
C VAL D 35 -6.26 -20.48 -15.27
N PRO D 36 -6.81 -21.02 -14.17
CA PRO D 36 -7.24 -20.12 -13.09
C PRO D 36 -6.07 -19.41 -12.43
N ILE D 37 -6.37 -18.28 -11.79
CA ILE D 37 -5.41 -17.57 -10.94
C ILE D 37 -4.86 -18.50 -9.86
N LEU D 38 -3.60 -18.32 -9.51
CA LEU D 38 -2.82 -19.33 -8.78
C LEU D 38 -3.35 -19.72 -7.42
N LYS D 39 -3.49 -21.03 -7.20
CA LYS D 39 -3.67 -21.55 -5.86
C LYS D 39 -2.32 -22.15 -5.36
N ILE D 40 -1.83 -21.71 -4.21
CA ILE D 40 -0.60 -22.30 -3.69
C ILE D 40 -0.93 -23.43 -2.74
N GLU D 41 -0.56 -24.65 -3.14
CA GLU D 41 -0.90 -25.89 -2.42
C GLU D 41 0.00 -26.26 -1.24
N ASP D 42 1.23 -25.73 -1.17
CA ASP D 42 2.14 -26.01 -0.04
C ASP D 42 3.41 -25.15 -0.01
N GLU D 43 4.16 -25.27 1.08
CA GLU D 43 5.37 -24.47 1.32
C GLU D 43 6.43 -24.65 0.25
N ASP D 44 6.52 -25.85 -0.32
CA ASP D 44 7.47 -26.14 -1.38
C ASP D 44 7.19 -25.29 -2.62
N GLU D 45 5.92 -25.24 -3.01
CA GLU D 45 5.50 -24.48 -4.17
C GLU D 45 5.73 -22.99 -3.96
N LEU D 46 5.40 -22.51 -2.77
CA LEU D 46 5.65 -21.11 -2.40
C LEU D 46 7.13 -20.78 -2.58
N LYS D 47 8.01 -21.63 -2.07
CA LYS D 47 9.45 -21.38 -2.17
C LYS D 47 9.90 -21.33 -3.63
N PHE D 48 9.37 -22.25 -4.44
CA PHE D 48 9.74 -22.23 -5.82
C PHE D 48 9.31 -20.91 -6.41
N LEU D 49 8.05 -20.57 -6.16
CA LEU D 49 7.50 -19.31 -6.65
C LEU D 49 8.30 -18.06 -6.22
N GLN D 50 8.56 -17.91 -4.92
CA GLN D 50 9.34 -16.77 -4.51
C GLN D 50 10.73 -16.79 -5.13
N ARG D 51 11.29 -17.97 -5.34
CA ARG D 51 12.65 -18.07 -5.91
C ARG D 51 12.67 -17.82 -7.41
N HIS D 52 11.62 -18.26 -8.10
CA HIS D 52 11.61 -18.16 -9.56
C HIS D 52 11.36 -16.75 -10.11
N VAL D 53 10.31 -16.13 -9.59
CA VAL D 53 9.79 -14.86 -10.00
C VAL D 53 10.82 -13.71 -10.18
N ILE D 54 10.64 -12.90 -11.21
CA ILE D 54 11.40 -11.66 -11.35
C ILE D 54 10.97 -10.74 -10.22
N PRO D 55 11.91 -9.99 -9.59
CA PRO D 55 11.51 -9.18 -8.41
C PRO D 55 10.27 -8.34 -8.71
N GLY D 56 9.30 -8.37 -7.79
CA GLY D 56 8.13 -7.51 -7.90
C GLY D 56 6.97 -8.12 -7.18
N ASN D 57 5.76 -7.63 -7.46
CA ASN D 57 4.57 -8.06 -6.75
C ASN D 57 3.59 -8.70 -7.68
N TYR D 58 2.99 -9.79 -7.19
CA TYR D 58 2.18 -10.70 -8.00
C TYR D 58 0.91 -11.07 -7.27
N TRP D 59 -0.23 -10.76 -7.87
CA TRP D 59 -1.51 -11.18 -7.37
C TRP D 59 -1.66 -12.69 -7.46
N ILE D 60 -2.26 -13.29 -6.43
CA ILE D 60 -2.51 -14.72 -6.44
C ILE D 60 -3.92 -14.97 -5.98
N GLY D 61 -4.44 -16.15 -6.33
CA GLY D 61 -5.85 -16.52 -6.10
C GLY D 61 -6.28 -16.76 -4.65
N LEU D 62 -5.98 -15.79 -3.81
CA LEU D 62 -6.34 -15.82 -2.40
C LEU D 62 -6.98 -14.46 -2.07
N SER D 63 -8.22 -14.48 -1.58
CA SER D 63 -8.89 -13.21 -1.23
C SER D 63 -9.98 -13.36 -0.16
N TYR D 64 -10.36 -12.23 0.43
CA TYR D 64 -11.36 -12.24 1.50
C TYR D 64 -12.75 -12.19 0.91
N ASP D 65 -13.59 -13.13 1.34
CA ASP D 65 -14.94 -13.24 0.84
C ASP D 65 -15.83 -12.63 1.91
N LYS D 66 -16.38 -11.46 1.60
CA LYS D 66 -17.33 -10.80 2.52
C LYS D 66 -18.66 -11.55 2.62
N LYS D 67 -19.04 -12.26 1.56
CA LYS D 67 -20.23 -13.10 1.58
C LYS D 67 -20.06 -14.33 2.47
N LYS D 68 -18.85 -14.85 2.55
CA LYS D 68 -18.52 -16.00 3.41
C LYS D 68 -17.79 -15.55 4.69
N LYS D 69 -17.63 -14.23 4.84
CA LYS D 69 -16.90 -13.61 5.94
C LYS D 69 -15.60 -14.37 6.28
N GLU D 70 -14.83 -14.72 5.24
CA GLU D 70 -13.52 -15.37 5.45
C GLU D 70 -12.55 -15.32 4.24
N TRP D 71 -11.32 -15.77 4.45
CA TRP D 71 -10.36 -15.86 3.37
C TRP D 71 -10.56 -17.18 2.64
N ALA D 72 -10.38 -17.15 1.32
CA ALA D 72 -10.71 -18.28 0.47
C ALA D 72 -9.78 -18.36 -0.72
N TRP D 73 -9.37 -19.56 -1.08
CA TRP D 73 -8.68 -19.72 -2.35
C TRP D 73 -9.69 -19.70 -3.48
N ILE D 74 -9.23 -19.56 -4.71
CA ILE D 74 -10.11 -19.39 -5.84
C ILE D 74 -10.91 -20.64 -6.20
N ASP D 75 -10.51 -21.79 -5.70
CA ASP D 75 -11.23 -23.03 -5.98
C ASP D 75 -12.12 -23.38 -4.79
N ASN D 76 -12.06 -22.54 -3.76
CA ASN D 76 -12.80 -22.70 -2.51
C ASN D 76 -12.52 -23.92 -1.66
N GLY D 77 -11.41 -24.60 -1.97
CA GLY D 77 -10.94 -25.71 -1.18
C GLY D 77 -9.70 -25.35 -0.38
N PRO D 78 -9.26 -26.26 0.51
CA PRO D 78 -8.14 -25.94 1.42
C PRO D 78 -6.77 -26.11 0.76
N SER D 79 -5.77 -25.46 1.33
CA SER D 79 -4.38 -25.67 0.94
C SER D 79 -3.57 -26.03 2.17
N LYS D 80 -2.55 -26.86 2.01
CA LYS D 80 -1.62 -27.11 3.11
C LYS D 80 -0.88 -25.81 3.51
N LEU D 81 -1.05 -24.75 2.71
CA LEU D 81 -0.50 -23.45 3.07
C LEU D 81 -1.24 -22.78 4.24
N ASP D 82 -2.50 -23.16 4.44
CA ASP D 82 -3.39 -22.51 5.40
C ASP D 82 -2.86 -22.47 6.85
N MET D 83 -1.85 -23.28 7.15
CA MET D 83 -1.13 -23.19 8.42
C MET D 83 -0.40 -21.85 8.44
N LYS D 84 0.42 -21.64 7.42
CA LYS D 84 1.13 -20.39 7.22
C LYS D 84 0.10 -19.27 7.19
N ILE D 85 -0.72 -19.26 6.14
CA ILE D 85 -1.78 -18.26 5.98
C ILE D 85 -2.44 -17.89 7.30
N LYS D 86 -2.89 -18.89 8.05
CA LYS D 86 -3.60 -18.60 9.28
C LYS D 86 -2.80 -17.68 10.20
N LYS D 87 -1.50 -17.95 10.39
CA LYS D 87 -0.72 -17.10 11.27
C LYS D 87 -0.19 -15.81 10.62
N MET D 88 -0.29 -15.72 9.29
CA MET D 88 0.00 -14.47 8.59
C MET D 88 -0.89 -13.37 9.15
N ASN D 89 -2.10 -13.77 9.55
CA ASN D 89 -2.96 -12.93 10.34
C ASN D 89 -3.44 -11.71 9.59
N PHE D 90 -3.99 -11.95 8.39
CA PHE D 90 -4.38 -10.89 7.47
C PHE D 90 -5.61 -10.17 7.95
N LYS D 91 -5.79 -8.93 7.46
CA LYS D 91 -7.00 -8.14 7.67
C LYS D 91 -8.20 -8.77 6.95
N SER D 92 -9.40 -8.57 7.49
CA SER D 92 -10.61 -9.08 6.82
C SER D 92 -10.96 -8.18 5.64
N ARG D 93 -10.09 -8.05 4.65
CA ARG D 93 -10.30 -6.92 3.76
C ARG D 93 -10.05 -7.10 2.27
N GLY D 94 -8.95 -7.74 1.88
CA GLY D 94 -8.51 -7.55 0.49
C GLY D 94 -8.20 -8.74 -0.38
N CYS D 95 -7.00 -8.71 -0.95
CA CYS D 95 -6.45 -9.83 -1.69
C CYS D 95 -4.97 -9.99 -1.31
N VAL D 96 -4.38 -11.12 -1.67
CA VAL D 96 -2.99 -11.39 -1.32
C VAL D 96 -2.09 -11.36 -2.55
N PHE D 97 -0.97 -10.66 -2.40
CA PHE D 97 0.06 -10.71 -3.42
C PHE D 97 1.30 -11.41 -2.92
N LEU D 98 2.07 -11.95 -3.86
CA LEU D 98 3.29 -12.66 -3.57
C LEU D 98 4.43 -11.80 -4.08
N SER D 99 5.53 -11.91 -3.37
CA SER D 99 6.72 -11.14 -3.63
C SER D 99 7.85 -12.14 -3.32
N LYS D 100 9.10 -11.78 -3.62
CA LYS D 100 10.23 -12.72 -3.51
C LYS D 100 10.60 -13.12 -2.06
N ALA D 101 10.21 -12.31 -1.08
CA ALA D 101 10.42 -12.71 0.31
C ALA D 101 9.17 -12.62 1.22
N ARG D 102 7.98 -12.38 0.64
CA ARG D 102 6.77 -12.08 1.42
C ARG D 102 5.50 -12.57 0.73
N ILE D 103 4.46 -12.81 1.53
CA ILE D 103 3.07 -12.86 1.05
C ILE D 103 2.43 -11.86 1.96
N GLU D 104 1.47 -11.12 1.46
CA GLU D 104 1.06 -9.88 2.09
C GLU D 104 -0.32 -9.56 1.52
N ASP D 105 -1.21 -9.00 2.34
CA ASP D 105 -2.61 -8.76 1.97
C ASP D 105 -2.81 -7.28 1.82
N ILE D 106 -3.54 -6.89 0.78
CA ILE D 106 -3.67 -5.48 0.48
C ILE D 106 -4.92 -5.23 -0.39
N ASP D 107 -5.22 -3.95 -0.63
CA ASP D 107 -6.26 -3.51 -1.55
C ASP D 107 -6.24 -4.28 -2.88
N CYS D 108 -7.42 -4.63 -3.38
CA CYS D 108 -7.54 -5.42 -4.62
C CYS D 108 -7.47 -4.56 -5.88
N ASN D 109 -7.68 -3.25 -5.72
CA ASN D 109 -7.69 -2.33 -6.85
C ASN D 109 -6.30 -1.91 -7.30
N ILE D 110 -5.28 -2.45 -6.64
CA ILE D 110 -3.91 -2.06 -6.91
C ILE D 110 -3.31 -2.94 -7.99
N PRO D 111 -2.74 -2.32 -9.05
CA PRO D 111 -2.19 -3.06 -10.19
C PRO D 111 -0.88 -3.76 -9.84
N TYR D 112 -0.88 -5.09 -9.88
CA TYR D 112 0.35 -5.88 -9.77
C TYR D 112 0.43 -6.86 -10.92
N TYR D 113 1.51 -7.62 -10.96
CA TYR D 113 1.60 -8.73 -11.91
C TYR D 113 0.68 -9.84 -11.44
N CYS D 114 0.65 -10.89 -12.24
CA CYS D 114 -0.44 -11.80 -12.18
C CYS D 114 0.08 -13.20 -12.47
N ILE D 115 -0.33 -14.17 -11.65
CA ILE D 115 0.09 -15.57 -11.81
C ILE D 115 -1.08 -16.55 -11.88
N CYS D 116 -1.25 -17.18 -13.04
CA CYS D 116 -2.18 -18.27 -13.21
C CYS D 116 -1.47 -19.61 -12.96
N GLY D 117 -2.12 -20.54 -12.27
CA GLY D 117 -1.53 -21.86 -12.04
C GLY D 117 -2.49 -23.00 -12.32
N LYS D 118 -1.99 -24.07 -12.93
CA LYS D 118 -2.85 -25.23 -13.26
C LYS D 118 -2.21 -26.58 -12.96
N LYS D 119 -2.96 -27.43 -12.25
CA LYS D 119 -2.46 -28.71 -11.83
C LYS D 119 -2.60 -29.71 -12.97
N LEU D 120 -1.50 -30.40 -13.28
CA LEU D 120 -1.47 -31.35 -14.39
C LEU D 120 -2.03 -32.72 -14.00
N ASP D 121 -2.96 -33.22 -14.83
CA ASP D 121 -3.68 -34.47 -14.57
C ASP D 121 -2.83 -35.67 -14.97
N LYS D 122 -1.99 -35.46 -15.97
CA LYS D 122 -1.26 -36.52 -16.65
C LYS D 122 0.00 -35.92 -17.21
N PHE D 123 0.83 -36.76 -17.80
CA PHE D 123 2.03 -36.31 -18.46
C PHE D 123 1.59 -35.74 -19.79
N PRO D 124 2.00 -34.49 -20.11
CA PRO D 124 1.61 -33.73 -21.31
C PRO D 124 1.77 -34.47 -22.66
N ASP D 125 1.07 -35.59 -22.79
CA ASP D 125 1.18 -36.47 -23.96
C ASP D 125 0.71 -35.79 -25.25
#